data_6GHF
#
_entry.id   6GHF
#
_cell.length_a   51.000
_cell.length_b   51.000
_cell.length_c   227.490
_cell.angle_alpha   90.00
_cell.angle_beta   90.00
_cell.angle_gamma   90.00
#
_symmetry.space_group_name_H-M   'P 43'
#
_entity_poly.entity_id   1
_entity_poly.type   'polypeptide(L)'
_entity_poly.pdbx_seq_one_letter_code
;MASNQEEVKVYGMMASPFVSRVEIALKLKGVEYKYELEKFGNFSDTLIKYNPVYKKVPVFVHNDRPISESLVILEYIDET
WKQNPLLPSDPYKRALVRFWTKFIDDKCLSAARKATFSIDEKEREKGIEETEEAFQILENELKDKFFGGDEIGIVDIAGI
FIAFWFPIVQEATRLKLFTSEKFPKLHKWSEDLSNHPIVKEILPPRESLLAYFKARYESLTASK
;
_entity_poly.pdbx_strand_id   B,A
#
# COMPACT_ATOMS: atom_id res chain seq x y z
N GLU A 6 8.06 -10.84 26.18
CA GLU A 6 9.42 -10.67 26.75
C GLU A 6 10.30 -9.95 25.74
N GLU A 7 10.52 -10.57 24.59
CA GLU A 7 11.46 -10.06 23.59
C GLU A 7 10.74 -9.24 22.51
N VAL A 8 11.45 -8.21 22.05
CA VAL A 8 11.01 -7.34 20.96
C VAL A 8 12.24 -6.75 20.25
N LYS A 9 12.38 -7.02 18.96
CA LYS A 9 13.65 -6.80 18.23
C LYS A 9 13.43 -6.11 16.89
N VAL A 10 14.16 -5.03 16.67
CA VAL A 10 14.08 -4.24 15.46
C VAL A 10 15.36 -4.42 14.65
N TYR A 11 15.24 -4.41 13.32
CA TYR A 11 16.37 -4.47 12.43
C TYR A 11 16.35 -3.22 11.56
N GLY A 12 17.48 -2.49 11.49
CA GLY A 12 17.54 -1.27 10.68
C GLY A 12 18.86 -0.52 10.72
N MET A 13 18.92 0.62 10.03
CA MET A 13 20.14 1.40 9.80
C MET A 13 20.13 2.70 10.65
N MET A 14 21.18 3.53 10.55
CA MET A 14 21.29 4.77 11.33
C MET A 14 20.27 5.85 10.99
N ALA A 15 19.71 5.84 9.78
CA ALA A 15 18.94 7.00 9.34
C ALA A 15 17.89 6.70 8.26
N SER A 16 17.33 5.48 8.24
CA SER A 16 16.23 5.23 7.31
C SER A 16 14.95 5.90 7.84
N PRO A 17 14.29 6.75 7.03
CA PRO A 17 13.01 7.28 7.46
C PRO A 17 11.93 6.20 7.72
N PHE A 18 12.03 5.04 7.07
CA PHE A 18 11.11 3.92 7.36
C PHE A 18 11.42 3.27 8.73
N VAL A 19 12.71 3.06 9.01
CA VAL A 19 13.05 2.48 10.31
C VAL A 19 12.70 3.47 11.42
N SER A 20 12.79 4.76 11.13
CA SER A 20 12.33 5.81 12.06
C SER A 20 10.84 5.69 12.35
N ARG A 21 10.04 5.51 11.31
CA ARG A 21 8.59 5.52 11.51
C ARG A 21 8.10 4.35 12.38
N VAL A 22 8.88 3.26 12.42
CA VAL A 22 8.60 2.15 13.33
C VAL A 22 8.97 2.53 14.75
N GLU A 23 10.21 3.00 14.95
CA GLU A 23 10.72 3.31 16.28
C GLU A 23 9.82 4.30 17.04
N ILE A 24 9.35 5.34 16.34
CA ILE A 24 8.57 6.40 16.97
C ILE A 24 7.28 5.80 17.46
N ALA A 25 6.59 5.10 16.57
CA ALA A 25 5.32 4.44 16.93
C ALA A 25 5.56 3.52 18.11
N LEU A 26 6.60 2.69 18.01
CA LEU A 26 6.93 1.74 19.05
C LEU A 26 7.31 2.44 20.35
N LYS A 27 7.99 3.59 20.25
CA LYS A 27 8.44 4.29 21.45
C LYS A 27 7.31 5.07 22.14
N LEU A 28 6.40 5.67 21.37
CA LEU A 28 5.20 6.26 21.98
C LEU A 28 4.43 5.22 22.80
N LYS A 29 4.41 3.95 22.33
CA LYS A 29 3.70 2.89 23.05
C LYS A 29 4.26 2.59 24.45
N GLY A 30 5.49 3.05 24.71
CA GLY A 30 6.15 2.75 25.97
C GLY A 30 6.63 1.32 25.97
N VAL A 31 7.27 0.92 24.87
CA VAL A 31 7.76 -0.43 24.70
C VAL A 31 9.27 -0.41 24.48
N GLU A 32 9.95 -1.32 25.17
CA GLU A 32 11.38 -1.49 25.03
C GLU A 32 11.62 -2.16 23.69
N TYR A 33 12.87 -2.14 23.24
CA TYR A 33 13.23 -2.69 21.93
C TYR A 33 14.72 -2.74 21.75
N LYS A 34 15.28 -3.94 21.57
CA LYS A 34 16.66 -4.08 21.12
C LYS A 34 16.69 -3.60 19.68
N TYR A 35 17.81 -3.03 19.28
CA TYR A 35 17.98 -2.51 17.93
C TYR A 35 19.28 -3.06 17.42
N GLU A 36 19.19 -3.85 16.35
CA GLU A 36 20.37 -4.43 15.71
C GLU A 36 20.58 -3.82 14.34
N LEU A 37 21.79 -3.29 14.11
CA LEU A 37 22.04 -2.51 12.90
C LEU A 37 22.28 -3.42 11.70
N GLU A 38 22.31 -2.85 10.50
CA GLU A 38 22.51 -3.62 9.26
C GLU A 38 23.30 -2.81 8.26
N LYS A 39 23.98 -3.48 7.34
CA LYS A 39 24.91 -2.81 6.43
C LYS A 39 24.18 -2.14 5.28
N PHE A 40 24.59 -0.93 4.92
CA PHE A 40 24.04 -0.17 3.76
C PHE A 40 23.98 -1.03 2.49
N GLY A 41 25.04 -1.80 2.24
CA GLY A 41 25.10 -2.71 1.08
C GLY A 41 24.53 -4.11 1.33
N ASN A 42 25.43 -5.08 1.46
CA ASN A 42 25.04 -6.47 1.70
C ASN A 42 24.79 -6.66 3.21
N PHE A 43 23.67 -7.30 3.56
CA PHE A 43 23.14 -7.33 4.93
C PHE A 43 23.62 -8.59 5.68
N SER A 44 23.02 -8.86 6.83
CA SER A 44 23.20 -10.11 7.57
C SER A 44 22.27 -11.23 7.12
N ASP A 45 22.54 -12.45 7.59
CA ASP A 45 21.74 -13.63 7.22
C ASP A 45 20.48 -13.78 8.06
N THR A 46 20.57 -13.54 9.36
CA THR A 46 19.40 -13.69 10.26
C THR A 46 18.26 -12.68 9.96
N LEU A 47 18.57 -11.62 9.22
CA LEU A 47 17.60 -10.68 8.69
C LEU A 47 17.05 -11.10 7.34
N ILE A 48 17.92 -11.55 6.46
CA ILE A 48 17.51 -12.11 5.16
C ILE A 48 16.71 -13.41 5.34
N LYS A 49 16.86 -14.08 6.50
CA LYS A 49 16.00 -15.19 6.83
C LYS A 49 14.63 -14.68 7.25
N TYR A 50 14.62 -13.50 7.85
CA TYR A 50 13.37 -12.85 8.26
C TYR A 50 12.63 -12.04 7.18
N ASN A 51 13.34 -11.58 6.16
CA ASN A 51 12.72 -11.04 4.95
C ASN A 51 13.45 -11.55 3.71
N PRO A 52 13.26 -12.84 3.37
CA PRO A 52 13.88 -13.37 2.16
C PRO A 52 13.26 -12.80 0.88
N VAL A 53 12.07 -12.22 0.99
CA VAL A 53 11.34 -11.75 -0.17
C VAL A 53 11.89 -10.40 -0.67
N TYR A 54 11.89 -9.40 0.19
CA TYR A 54 12.37 -8.06 -0.13
C TYR A 54 13.86 -7.91 0.19
N LYS A 55 14.33 -8.53 1.28
CA LYS A 55 15.67 -8.29 1.83
C LYS A 55 15.89 -6.80 2.08
N LYS A 56 14.91 -6.25 2.81
CA LYS A 56 14.84 -4.84 3.10
C LYS A 56 14.53 -4.61 4.60
N VAL A 57 15.23 -3.68 5.21
CA VAL A 57 14.80 -3.07 6.50
C VAL A 57 13.72 -2.03 6.22
N PRO A 58 12.83 -1.72 7.18
CA PRO A 58 12.87 -2.18 8.57
C PRO A 58 12.16 -3.48 8.70
N VAL A 59 12.80 -4.42 9.36
CA VAL A 59 12.19 -5.70 9.69
C VAL A 59 11.98 -5.72 11.18
N PHE A 60 10.77 -6.04 11.61
CA PHE A 60 10.39 -5.98 13.03
C PHE A 60 9.99 -7.37 13.45
N VAL A 61 10.64 -7.88 14.48
CA VAL A 61 10.33 -9.19 15.02
C VAL A 61 10.06 -9.00 16.52
N HIS A 62 9.27 -9.87 17.10
CA HIS A 62 9.19 -9.94 18.56
C HIS A 62 8.81 -11.37 18.99
N ASN A 63 9.50 -11.89 20.02
CA ASN A 63 9.49 -13.35 20.33
C ASN A 63 9.81 -14.15 19.07
N ASP A 64 10.87 -13.70 18.39
CA ASP A 64 11.37 -14.28 17.15
C ASP A 64 10.44 -14.26 15.93
N ARG A 65 9.23 -13.72 16.03
CA ARG A 65 8.24 -13.78 14.95
C ARG A 65 8.27 -12.48 14.14
N PRO A 66 8.66 -12.54 12.84
CA PRO A 66 8.96 -11.32 12.10
C PRO A 66 7.77 -10.64 11.50
N ILE A 67 7.91 -9.36 11.22
CA ILE A 67 6.94 -8.58 10.44
C ILE A 67 7.73 -7.62 9.53
N SER A 68 7.82 -7.96 8.24
CA SER A 68 8.55 -7.14 7.28
C SER A 68 7.66 -6.04 6.72
N GLU A 69 8.30 -5.04 6.10
CA GLU A 69 7.63 -3.85 5.56
C GLU A 69 7.12 -2.92 6.64
N SER A 70 7.22 -1.62 6.43
CA SER A 70 7.08 -0.63 7.53
C SER A 70 5.65 -0.22 7.78
N LEU A 71 4.90 0.04 6.71
CA LEU A 71 3.53 0.51 6.88
C LEU A 71 2.59 -0.57 7.41
N VAL A 72 2.96 -1.84 7.26
CA VAL A 72 2.22 -2.96 7.87
C VAL A 72 2.59 -3.15 9.33
N ILE A 73 3.85 -2.85 9.67
CA ILE A 73 4.30 -2.92 11.07
C ILE A 73 3.53 -1.90 11.92
N LEU A 74 3.38 -0.68 11.41
CA LEU A 74 2.65 0.35 12.13
C LEU A 74 1.26 -0.10 12.53
N GLU A 75 0.57 -0.76 11.62
CA GLU A 75 -0.81 -1.19 11.90
C GLU A 75 -0.85 -2.44 12.78
N TYR A 76 0.25 -3.18 12.90
CA TYR A 76 0.35 -4.23 13.90
C TYR A 76 0.41 -3.65 15.32
N ILE A 77 1.35 -2.74 15.54
CA ILE A 77 1.63 -2.24 16.90
C ILE A 77 0.48 -1.41 17.43
N ASP A 78 -0.30 -0.78 16.56
CA ASP A 78 -1.41 0.03 17.03
C ASP A 78 -2.52 -0.84 17.63
N GLU A 79 -2.72 -2.04 17.09
CA GLU A 79 -3.62 -3.00 17.77
C GLU A 79 -2.80 -4.21 18.25
N THR A 80 -1.91 -3.93 19.20
CA THR A 80 -1.29 -4.95 20.05
C THR A 80 -1.00 -4.32 21.41
N TRP A 81 -0.42 -3.13 21.38
CA TRP A 81 -0.33 -2.26 22.53
C TRP A 81 -1.34 -1.14 22.30
N LYS A 82 -2.39 -1.13 23.12
CA LYS A 82 -3.43 -0.09 23.04
C LYS A 82 -3.18 1.11 23.97
N GLN A 83 -1.91 1.49 24.15
CA GLN A 83 -1.52 2.74 24.79
C GLN A 83 -1.12 3.71 23.67
N ASN A 84 -1.69 4.92 23.71
CA ASN A 84 -1.55 5.96 22.69
C ASN A 84 -1.92 5.40 21.32
N PRO A 85 -3.22 5.43 20.95
CA PRO A 85 -3.60 4.96 19.64
C PRO A 85 -3.04 5.86 18.52
N LEU A 86 -2.53 5.26 17.46
CA LEU A 86 -2.10 6.02 16.27
C LEU A 86 -3.28 6.21 15.31
N LEU A 87 -3.94 5.10 14.93
CA LEU A 87 -5.05 5.15 13.97
C LEU A 87 -6.32 5.62 14.65
N PRO A 88 -7.15 6.41 13.93
CA PRO A 88 -8.51 6.66 14.37
C PRO A 88 -9.27 5.42 14.82
N SER A 89 -10.28 5.64 15.66
CA SER A 89 -11.07 4.56 16.26
C SER A 89 -12.32 4.24 15.44
N ASP A 90 -12.80 5.22 14.67
CA ASP A 90 -13.98 5.05 13.82
C ASP A 90 -13.59 4.34 12.52
N PRO A 91 -14.31 3.27 12.16
CA PRO A 91 -13.96 2.53 10.94
C PRO A 91 -13.89 3.34 9.62
N TYR A 92 -14.64 4.44 9.53
CA TYR A 92 -14.60 5.23 8.30
C TYR A 92 -13.40 6.16 8.25
N LYS A 93 -13.21 6.96 9.29
CA LYS A 93 -12.05 7.88 9.33
C LYS A 93 -10.74 7.11 9.44
N ARG A 94 -10.77 5.93 10.05
CA ARG A 94 -9.64 4.99 9.95
C ARG A 94 -9.44 4.50 8.51
N ALA A 95 -10.52 4.42 7.74
CA ALA A 95 -10.40 4.08 6.31
C ALA A 95 -9.86 5.26 5.50
N LEU A 96 -10.32 6.47 5.79
CA LEU A 96 -9.73 7.66 5.18
C LEU A 96 -8.24 7.78 5.53
N VAL A 97 -7.89 7.55 6.79
CA VAL A 97 -6.53 7.74 7.26
C VAL A 97 -5.55 6.89 6.47
N ARG A 98 -5.96 5.67 6.10
CA ARG A 98 -5.10 4.75 5.35
C ARG A 98 -4.93 5.20 3.90
N PHE A 99 -5.96 5.83 3.34
CA PHE A 99 -5.92 6.39 2.01
C PHE A 99 -4.83 7.42 1.90
N TRP A 100 -4.49 8.10 3.01
CA TRP A 100 -3.44 9.13 2.98
C TRP A 100 -2.04 8.59 3.14
N THR A 101 -1.87 7.58 3.99
CA THR A 101 -0.58 6.87 4.06
C THR A 101 -0.24 6.27 2.70
N LYS A 102 -1.27 5.86 1.95
CA LYS A 102 -1.12 5.50 0.53
C LYS A 102 -0.58 6.69 -0.28
N PHE A 103 -1.21 7.86 -0.08
CA PHE A 103 -0.82 9.08 -0.79
C PHE A 103 0.59 9.54 -0.40
N ILE A 104 0.89 9.54 0.89
CA ILE A 104 2.23 9.85 1.37
C ILE A 104 3.24 8.92 0.69
N ASP A 105 2.88 7.66 0.49
CA ASP A 105 3.75 6.70 -0.22
C ASP A 105 3.82 6.98 -1.71
N ASP A 106 2.71 7.41 -2.30
CA ASP A 106 2.72 7.96 -3.66
C ASP A 106 3.54 9.24 -3.74
N LYS A 107 3.41 10.12 -2.76
CA LYS A 107 4.15 11.39 -2.73
C LYS A 107 5.64 11.18 -2.64
N CYS A 108 6.09 10.12 -1.96
CA CYS A 108 7.53 9.86 -1.76
C CYS A 108 8.36 10.02 -3.04
N LEU A 109 7.74 9.74 -4.19
CA LEU A 109 8.26 10.11 -5.51
C LEU A 109 8.57 11.60 -5.68
N SER A 110 8.20 12.45 -4.74
CA SER A 110 8.79 13.78 -4.60
C SER A 110 10.24 13.73 -4.15
N ALA A 111 10.60 12.84 -3.21
CA ALA A 111 11.99 12.63 -2.85
C ALA A 111 12.82 12.14 -4.04
N ALA A 112 12.26 11.22 -4.83
CA ALA A 112 12.93 10.66 -6.01
C ALA A 112 12.97 11.60 -7.23
N ARG A 113 13.23 12.86 -6.98
CA ARG A 113 13.20 13.91 -8.00
C ARG A 113 13.77 15.24 -7.42
N LYS A 114 13.63 15.45 -6.12
CA LYS A 114 14.40 16.47 -5.42
C LYS A 114 15.40 15.80 -4.47
N ALA A 115 16.35 15.06 -5.05
CA ALA A 115 17.41 14.37 -4.32
C ALA A 115 18.40 13.71 -5.25
N THR A 116 17.91 12.84 -6.14
CA THR A 116 18.75 11.88 -6.84
C THR A 116 18.87 12.17 -8.34
N PHE A 117 18.51 13.39 -8.73
CA PHE A 117 18.64 13.83 -10.12
C PHE A 117 19.64 14.94 -10.28
N SER A 118 19.88 15.31 -11.53
CA SER A 118 20.78 16.40 -11.88
C SER A 118 20.40 17.02 -13.22
N ILE A 119 20.92 18.22 -13.46
CA ILE A 119 20.87 18.89 -14.76
C ILE A 119 19.42 18.99 -15.31
N ASP A 120 19.12 18.28 -16.40
CA ASP A 120 17.88 18.41 -17.10
C ASP A 120 16.88 17.35 -16.68
N GLU A 121 17.37 16.14 -16.38
CA GLU A 121 16.49 15.03 -15.95
C GLU A 121 15.72 15.39 -14.68
N LYS A 122 16.21 16.38 -13.93
CA LYS A 122 15.43 16.97 -12.85
C LYS A 122 14.15 17.60 -13.42
N GLU A 123 14.32 18.77 -14.06
CA GLU A 123 13.21 19.66 -14.41
C GLU A 123 12.26 19.06 -15.44
N ARG A 124 12.49 17.83 -15.89
CA ARG A 124 11.42 16.98 -16.42
C ARG A 124 10.39 16.60 -15.31
N GLU A 125 10.46 17.30 -14.18
CA GLU A 125 9.64 17.13 -13.01
C GLU A 125 8.64 18.30 -12.84
N LYS A 126 7.56 18.05 -12.14
CA LYS A 126 6.65 19.07 -11.59
C LYS A 126 5.81 18.62 -10.36
N GLY A 127 5.56 17.32 -10.24
CA GLY A 127 4.71 16.70 -9.25
C GLY A 127 4.77 17.14 -7.82
N ILE A 128 5.97 17.36 -7.31
CA ILE A 128 6.14 17.75 -5.90
C ILE A 128 5.31 18.97 -5.53
N GLU A 129 5.32 19.99 -6.37
CA GLU A 129 4.53 21.19 -6.11
C GLU A 129 3.01 20.91 -6.00
N GLU A 130 2.53 19.96 -6.81
CA GLU A 130 1.12 19.56 -6.77
C GLU A 130 0.81 18.82 -5.49
N THR A 131 1.67 17.91 -5.08
CA THR A 131 1.43 17.12 -3.89
C THR A 131 1.33 17.98 -2.62
N GLU A 132 2.26 18.89 -2.46
CA GLU A 132 2.23 19.81 -1.30
C GLU A 132 0.92 20.63 -1.26
N GLU A 133 0.39 20.96 -2.44
CA GLU A 133 -0.94 21.56 -2.52
C GLU A 133 -2.00 20.49 -2.41
N ALA A 134 -1.84 19.39 -3.15
CA ALA A 134 -2.67 18.19 -2.94
C ALA A 134 -2.56 17.68 -1.50
N PHE A 135 -1.64 18.27 -0.74
CA PHE A 135 -1.56 18.15 0.70
C PHE A 135 -2.34 19.33 1.28
N GLN A 136 -1.72 20.14 2.16
CA GLN A 136 -2.31 21.30 2.84
C GLN A 136 -3.80 21.58 2.66
N ILE A 137 -4.15 21.76 1.39
CA ILE A 137 -5.48 22.16 0.95
C ILE A 137 -6.51 21.06 1.25
N LEU A 138 -6.07 19.87 1.66
CA LEU A 138 -6.99 18.82 2.10
C LEU A 138 -6.87 18.40 3.57
N GLU A 139 -5.67 18.48 4.16
CA GLU A 139 -5.48 17.83 5.48
C GLU A 139 -5.72 18.71 6.67
N ASN A 140 -5.34 19.99 6.64
CA ASN A 140 -5.61 20.92 7.77
C ASN A 140 -4.78 20.54 9.02
N GLU A 141 -3.53 21.01 9.08
CA GLU A 141 -2.68 20.82 10.25
C GLU A 141 -2.19 22.11 10.93
N LEU A 142 -2.88 23.22 10.70
CA LEU A 142 -2.70 24.38 11.59
C LEU A 142 -3.97 25.17 11.90
N LYS A 143 -5.10 24.75 11.36
CA LYS A 143 -6.42 25.26 11.83
C LYS A 143 -6.77 24.58 13.15
N ASP A 144 -6.47 23.28 13.24
CA ASP A 144 -6.46 22.58 14.54
C ASP A 144 -5.42 21.47 14.55
N LYS A 145 -4.53 21.58 15.54
CA LYS A 145 -3.42 20.67 15.84
C LYS A 145 -2.68 20.19 14.60
N PHE A 146 -2.30 18.91 14.54
CA PHE A 146 -1.97 18.29 13.26
C PHE A 146 -2.94 17.14 12.94
N PHE A 147 -2.47 16.09 12.24
CA PHE A 147 -3.31 15.13 11.54
C PHE A 147 -4.33 14.37 12.40
N GLY A 148 -3.95 13.18 12.90
CA GLY A 148 -4.92 12.31 13.55
C GLY A 148 -5.13 12.75 14.97
N GLY A 149 -6.21 13.51 15.22
CA GLY A 149 -6.46 14.18 16.50
C GLY A 149 -5.34 15.12 16.95
N ASP A 150 -5.33 15.43 18.24
CA ASP A 150 -4.41 16.41 18.79
C ASP A 150 -2.97 15.92 18.86
N GLU A 151 -2.77 14.62 19.04
CA GLU A 151 -1.43 14.04 19.17
C GLU A 151 -1.02 13.32 17.89
N ILE A 152 0.18 12.74 17.91
CA ILE A 152 0.73 12.03 16.76
C ILE A 152 -0.19 10.92 16.27
N GLY A 153 -0.62 11.05 15.04
CA GLY A 153 -1.33 9.97 14.33
C GLY A 153 -0.42 9.25 13.36
N ILE A 154 -0.95 8.20 12.76
CA ILE A 154 -0.20 7.41 11.78
C ILE A 154 0.22 8.23 10.53
N VAL A 155 -0.65 9.10 10.05
CA VAL A 155 -0.38 9.83 8.81
C VAL A 155 0.83 10.74 9.03
N ASP A 156 0.92 11.30 10.23
CA ASP A 156 2.11 12.09 10.62
C ASP A 156 3.38 11.23 10.47
N ILE A 157 3.40 10.12 11.18
CA ILE A 157 4.54 9.22 11.21
C ILE A 157 4.87 8.69 9.80
N ALA A 158 3.81 8.40 9.04
CA ALA A 158 3.97 7.90 7.69
C ALA A 158 4.68 8.93 6.82
N GLY A 159 4.50 10.21 7.15
CA GLY A 159 5.14 11.31 6.41
C GLY A 159 6.30 11.99 7.12
N ILE A 160 7.14 11.23 7.82
CA ILE A 160 8.27 11.86 8.49
C ILE A 160 9.42 12.13 7.53
N PHE A 161 9.42 11.48 6.36
CA PHE A 161 10.39 11.85 5.33
C PHE A 161 10.07 13.19 4.69
N ILE A 162 8.98 13.81 5.11
CA ILE A 162 8.66 15.20 4.82
C ILE A 162 9.05 16.06 6.01
N ALA A 163 8.52 15.72 7.18
CA ALA A 163 8.71 16.55 8.37
C ALA A 163 10.15 16.78 8.77
N PHE A 164 11.04 15.88 8.41
CA PHE A 164 12.44 16.00 8.80
C PHE A 164 13.39 15.85 7.63
N TRP A 165 13.33 14.72 6.91
CA TRP A 165 14.36 14.39 5.94
C TRP A 165 14.31 15.31 4.73
N PHE A 166 13.12 15.78 4.35
CA PHE A 166 12.96 16.60 3.16
C PHE A 166 13.60 17.98 3.30
N PRO A 167 13.28 18.75 4.38
CA PRO A 167 14.08 19.93 4.67
C PRO A 167 15.60 19.74 4.58
N ILE A 168 16.11 18.56 4.87
CA ILE A 168 17.52 18.37 4.91
C ILE A 168 18.06 17.85 3.63
N VAL A 169 17.26 17.79 2.59
CA VAL A 169 17.75 17.21 1.35
C VAL A 169 17.86 18.21 0.25
N GLN A 170 17.07 19.26 0.33
CA GLN A 170 17.11 20.25 -0.73
C GLN A 170 18.49 20.84 -0.90
N GLU A 171 19.33 20.66 0.12
CA GLU A 171 20.73 21.06 0.10
C GLU A 171 21.56 20.00 -0.64
N ALA A 172 20.95 19.32 -1.60
CA ALA A 172 21.61 18.54 -2.65
C ALA A 172 21.21 19.08 -4.04
N THR A 173 19.99 19.60 -4.14
CA THR A 173 19.53 20.35 -5.31
C THR A 173 19.71 21.88 -5.14
N ARG A 174 20.12 22.32 -3.93
CA ARG A 174 20.10 23.76 -3.57
C ARG A 174 18.73 24.43 -3.81
N LEU A 175 17.67 23.68 -3.53
CA LEU A 175 16.30 24.10 -3.82
C LEU A 175 15.68 24.74 -2.59
N LYS A 176 14.68 25.61 -2.83
CA LYS A 176 13.95 26.30 -1.77
C LYS A 176 12.45 26.20 -2.06
N LEU A 177 12.04 25.00 -2.46
CA LEU A 177 10.64 24.71 -2.71
C LEU A 177 9.84 24.81 -1.41
N PHE A 178 10.47 24.43 -0.29
CA PHE A 178 9.79 24.24 0.97
C PHE A 178 10.05 25.43 1.88
N THR A 179 9.07 26.31 1.99
CA THR A 179 9.19 27.57 2.73
C THR A 179 7.79 28.10 3.03
N SER A 180 7.71 28.99 4.01
CA SER A 180 6.45 29.61 4.41
C SER A 180 5.88 30.57 3.37
N GLU A 181 6.56 30.78 2.24
CA GLU A 181 6.01 31.56 1.12
C GLU A 181 5.24 30.70 0.11
N LYS A 182 5.65 29.43 -0.06
CA LYS A 182 4.96 28.53 -1.00
C LYS A 182 3.97 27.61 -0.33
N PHE A 183 4.34 27.05 0.83
CA PHE A 183 3.51 26.05 1.52
C PHE A 183 3.52 26.34 3.02
N PRO A 184 2.73 27.34 3.44
CA PRO A 184 2.80 27.79 4.84
C PRO A 184 2.16 26.84 5.85
N LYS A 185 1.03 26.25 5.46
CA LYS A 185 0.21 25.48 6.38
C LYS A 185 0.94 24.31 7.01
N LEU A 186 1.83 23.66 6.25
CA LEU A 186 2.56 22.48 6.74
C LEU A 186 4.06 22.69 6.96
N HIS A 187 4.60 23.84 6.61
CA HIS A 187 5.98 24.17 7.00
C HIS A 187 6.08 24.30 8.53
N LYS A 188 5.07 24.94 9.13
CA LYS A 188 5.01 24.99 10.58
C LYS A 188 4.59 23.66 11.17
N TRP A 189 3.96 22.79 10.36
CA TRP A 189 3.72 21.39 10.74
C TRP A 189 5.00 20.60 10.87
N SER A 190 5.98 20.87 9.99
CA SER A 190 7.30 20.22 10.07
C SER A 190 7.90 20.19 11.48
N GLU A 191 7.60 21.22 12.27
CA GLU A 191 7.74 21.19 13.75
C GLU A 191 7.54 19.83 14.41
N ASP A 192 6.71 18.96 13.81
CA ASP A 192 6.70 17.51 14.10
C ASP A 192 8.10 16.93 14.35
N LEU A 193 9.10 17.42 13.62
CA LEU A 193 10.48 17.08 13.90
C LEU A 193 10.86 17.41 15.34
N SER A 194 10.65 18.65 15.74
CA SER A 194 11.20 19.17 16.97
C SER A 194 10.56 18.51 18.18
N ASN A 195 9.25 18.68 18.33
CA ASN A 195 8.57 18.32 19.58
C ASN A 195 8.69 16.82 19.89
N HIS A 196 8.30 16.48 21.10
CA HIS A 196 8.27 15.14 21.65
C HIS A 196 9.65 14.84 22.19
N PRO A 197 9.81 14.91 23.52
CA PRO A 197 10.98 14.44 24.23
C PRO A 197 11.31 12.97 24.14
N ILE A 198 11.04 12.37 23.00
CA ILE A 198 11.39 10.98 22.70
C ILE A 198 11.54 10.83 21.19
N VAL A 199 10.61 11.41 20.43
CA VAL A 199 10.75 11.57 19.01
C VAL A 199 12.00 12.42 18.78
N LYS A 200 12.30 13.27 19.76
CA LYS A 200 13.47 14.15 19.79
C LYS A 200 14.87 13.54 19.66
N GLU A 201 14.95 12.27 19.28
CA GLU A 201 16.21 11.60 19.00
C GLU A 201 15.91 10.70 17.90
N ILE A 202 15.19 9.62 18.17
CA ILE A 202 14.96 8.72 17.14
C ILE A 202 15.32 9.38 15.80
N LEU A 203 15.16 10.69 15.69
CA LEU A 203 15.70 11.50 14.61
C LEU A 203 17.17 11.86 14.86
N PRO A 204 18.04 11.52 13.90
CA PRO A 204 19.45 11.86 14.03
C PRO A 204 19.76 13.37 14.21
N PRO A 205 21.05 13.72 14.41
CA PRO A 205 21.40 15.11 14.49
C PRO A 205 21.16 15.86 13.18
N ARG A 206 20.82 17.14 13.30
CA ARG A 206 20.41 17.98 12.16
C ARG A 206 21.59 18.30 11.22
N GLU A 207 22.75 18.61 11.78
CA GLU A 207 23.87 19.10 10.99
C GLU A 207 24.69 17.95 10.44
N SER A 208 24.61 16.79 11.07
CA SER A 208 25.34 15.62 10.61
C SER A 208 24.79 15.19 9.25
N LEU A 209 23.46 15.16 9.15
CA LEU A 209 22.81 14.72 7.92
C LEU A 209 23.09 15.66 6.78
N LEU A 210 23.23 16.96 7.06
CA LEU A 210 23.50 17.94 6.01
C LEU A 210 24.78 17.58 5.26
N ALA A 211 25.78 17.09 6.01
CA ALA A 211 27.02 16.63 5.40
C ALA A 211 26.80 15.50 4.38
N TYR A 212 25.94 14.54 4.72
CA TYR A 212 25.71 13.37 3.85
C TYR A 212 25.22 13.72 2.45
N PHE A 213 24.51 14.86 2.32
CA PHE A 213 24.01 15.32 1.00
C PHE A 213 24.80 16.52 0.45
N GLU B 6 -29.62 1.65 3.45
CA GLU B 6 -30.49 1.76 2.27
C GLU B 6 -29.64 1.88 1.00
N GLU B 7 -28.85 2.96 0.91
CA GLU B 7 -28.09 3.28 -0.30
C GLU B 7 -26.64 2.83 -0.14
N VAL B 8 -26.09 2.30 -1.23
CA VAL B 8 -24.69 1.86 -1.31
C VAL B 8 -24.28 1.87 -2.79
N LYS B 9 -23.21 2.59 -3.13
CA LYS B 9 -22.87 2.85 -4.53
C LYS B 9 -21.41 2.55 -4.84
N VAL B 10 -21.18 1.77 -5.91
CA VAL B 10 -19.83 1.64 -6.47
C VAL B 10 -19.75 2.41 -7.79
N TYR B 11 -18.62 3.01 -8.06
CA TYR B 11 -18.37 3.72 -9.32
C TYR B 11 -17.18 3.05 -10.01
N GLY B 12 -17.32 2.72 -11.28
CA GLY B 12 -16.27 2.03 -12.02
C GLY B 12 -16.61 1.66 -13.44
N MET B 13 -15.72 0.92 -14.08
CA MET B 13 -15.88 0.48 -15.47
C MET B 13 -16.33 -0.97 -15.57
N MET B 14 -16.63 -1.44 -16.78
CA MET B 14 -17.30 -2.75 -16.95
C MET B 14 -16.45 -3.96 -16.63
N ALA B 15 -15.13 -3.83 -16.64
CA ALA B 15 -14.26 -4.98 -16.38
C ALA B 15 -12.89 -4.64 -15.76
N SER B 16 -12.86 -3.65 -14.87
CA SER B 16 -11.63 -3.33 -14.16
C SER B 16 -11.33 -4.44 -13.13
N PRO B 17 -10.11 -4.99 -13.13
CA PRO B 17 -9.77 -5.96 -12.09
C PRO B 17 -9.90 -5.43 -10.65
N PHE B 18 -9.70 -4.13 -10.46
CA PHE B 18 -9.90 -3.51 -9.14
C PHE B 18 -11.40 -3.39 -8.77
N VAL B 19 -12.20 -2.97 -9.74
CA VAL B 19 -13.64 -2.86 -9.55
C VAL B 19 -14.24 -4.23 -9.28
N SER B 20 -13.67 -5.27 -9.88
CA SER B 20 -14.03 -6.65 -9.49
C SER B 20 -13.65 -6.92 -8.04
N ARG B 21 -12.45 -6.45 -7.68
CA ARG B 21 -11.88 -6.70 -6.39
C ARG B 21 -12.73 -6.13 -5.26
N VAL B 22 -13.44 -5.04 -5.53
CA VAL B 22 -14.38 -4.50 -4.54
C VAL B 22 -15.66 -5.33 -4.54
N GLU B 23 -16.24 -5.52 -5.70
CA GLU B 23 -17.59 -6.09 -5.82
C GLU B 23 -17.70 -7.47 -5.19
N ILE B 24 -16.70 -8.32 -5.34
CA ILE B 24 -16.76 -9.67 -4.76
C ILE B 24 -16.80 -9.54 -3.24
N ALA B 25 -15.84 -8.78 -2.72
CA ALA B 25 -15.77 -8.45 -1.30
C ALA B 25 -17.09 -7.90 -0.81
N LEU B 26 -17.59 -6.91 -1.53
CA LEU B 26 -18.90 -6.31 -1.22
C LEU B 26 -20.06 -7.33 -1.34
N LYS B 27 -19.93 -8.25 -2.29
CA LYS B 27 -20.93 -9.29 -2.48
C LYS B 27 -20.95 -10.38 -1.41
N LEU B 28 -19.78 -10.82 -0.95
CA LEU B 28 -19.70 -11.94 0.01
C LEU B 28 -20.57 -11.64 1.24
N LYS B 29 -20.53 -10.39 1.69
CA LYS B 29 -21.23 -9.98 2.91
C LYS B 29 -22.75 -10.07 2.77
N GLY B 30 -23.27 -10.24 1.56
CA GLY B 30 -24.71 -10.29 1.34
C GLY B 30 -25.25 -8.88 1.36
N VAL B 31 -24.59 -8.02 0.58
CA VAL B 31 -24.91 -6.61 0.51
C VAL B 31 -25.26 -6.25 -0.92
N GLU B 32 -26.32 -5.45 -1.07
CA GLU B 32 -26.68 -4.93 -2.38
C GLU B 32 -25.67 -3.85 -2.75
N TYR B 33 -25.69 -3.44 -4.01
CA TYR B 33 -24.94 -2.27 -4.43
C TYR B 33 -25.37 -1.82 -5.82
N LYS B 34 -25.83 -0.59 -5.91
CA LYS B 34 -26.06 0.06 -7.17
C LYS B 34 -24.71 0.26 -7.85
N TYR B 35 -24.70 0.25 -9.17
CA TYR B 35 -23.46 0.32 -9.93
C TYR B 35 -23.59 1.36 -11.01
N GLU B 36 -22.72 2.37 -11.00
CA GLU B 36 -22.70 3.38 -12.09
C GLU B 36 -21.45 3.24 -12.94
N LEU B 37 -21.63 3.13 -14.25
CA LEU B 37 -20.50 2.96 -15.17
C LEU B 37 -19.76 4.29 -15.42
N GLU B 38 -18.63 4.24 -16.12
CA GLU B 38 -17.75 5.39 -16.30
C GLU B 38 -17.10 5.41 -17.67
N LYS B 39 -16.64 6.58 -18.09
CA LYS B 39 -16.16 6.77 -19.46
C LYS B 39 -14.73 6.29 -19.59
N PHE B 40 -14.42 5.56 -20.66
CA PHE B 40 -13.08 4.98 -20.86
C PHE B 40 -11.99 6.04 -20.85
N GLY B 41 -12.29 7.19 -21.47
CA GLY B 41 -11.36 8.34 -21.50
C GLY B 41 -11.57 9.32 -20.35
N ASN B 42 -12.13 10.48 -20.66
CA ASN B 42 -12.41 11.50 -19.66
C ASN B 42 -13.69 11.19 -18.90
N PHE B 43 -13.64 11.34 -17.58
CA PHE B 43 -14.70 10.89 -16.66
C PHE B 43 -15.76 11.98 -16.45
N SER B 44 -16.67 11.72 -15.50
CA SER B 44 -17.66 12.70 -15.04
C SER B 44 -17.13 13.58 -13.90
N ASP B 45 -17.90 14.63 -13.59
CA ASP B 45 -17.56 15.54 -12.49
C ASP B 45 -17.98 15.00 -11.12
N THR B 46 -19.16 14.40 -11.03
CA THR B 46 -19.64 13.85 -9.76
C THR B 46 -18.91 12.59 -9.28
N LEU B 47 -17.94 12.11 -10.05
CA LEU B 47 -16.94 11.14 -9.60
C LEU B 47 -15.67 11.82 -9.14
N ILE B 48 -15.18 12.78 -9.94
CA ILE B 48 -13.98 13.53 -9.56
C ILE B 48 -14.25 14.45 -8.36
N LYS B 49 -15.51 14.73 -8.06
CA LYS B 49 -15.89 15.37 -6.79
C LYS B 49 -15.72 14.40 -5.64
N TYR B 50 -15.91 13.12 -5.91
CA TYR B 50 -15.59 12.08 -4.94
C TYR B 50 -14.10 11.64 -4.91
N ASN B 51 -13.36 11.81 -6.01
CA ASN B 51 -11.93 11.48 -6.00
C ASN B 51 -11.08 12.54 -6.73
N PRO B 52 -10.97 13.73 -6.12
CA PRO B 52 -10.11 14.76 -6.75
C PRO B 52 -8.62 14.43 -6.70
N VAL B 53 -8.22 13.50 -5.86
CA VAL B 53 -6.82 13.26 -5.61
C VAL B 53 -6.23 12.29 -6.64
N TYR B 54 -6.75 11.07 -6.71
CA TYR B 54 -6.24 10.07 -7.68
C TYR B 54 -6.94 10.11 -9.03
N LYS B 55 -8.24 10.37 -9.01
CA LYS B 55 -9.06 10.42 -10.25
C LYS B 55 -8.95 9.12 -11.03
N LYS B 56 -9.07 8.00 -10.31
CA LYS B 56 -9.13 6.65 -10.89
C LYS B 56 -10.15 5.84 -10.12
N VAL B 57 -11.03 5.12 -10.84
CA VAL B 57 -11.98 4.19 -10.23
C VAL B 57 -11.28 2.88 -9.84
N PRO B 58 -11.76 2.09 -8.87
CA PRO B 58 -13.05 2.21 -8.24
C PRO B 58 -13.08 3.19 -7.12
N VAL B 59 -14.11 4.04 -7.15
CA VAL B 59 -14.46 4.87 -6.02
C VAL B 59 -15.74 4.34 -5.42
N PHE B 60 -15.72 4.13 -4.10
CA PHE B 60 -16.81 3.47 -3.40
C PHE B 60 -17.42 4.41 -2.40
N VAL B 61 -18.73 4.62 -2.49
CA VAL B 61 -19.44 5.48 -1.58
C VAL B 61 -20.62 4.74 -0.99
N HIS B 62 -21.05 5.14 0.21
CA HIS B 62 -22.38 4.76 0.73
C HIS B 62 -22.80 5.74 1.86
N ASN B 63 -24.08 6.15 1.87
CA ASN B 63 -24.53 7.32 2.64
C ASN B 63 -23.68 8.54 2.33
N ASP B 64 -23.48 8.76 1.03
CA ASP B 64 -22.68 9.89 0.47
C ASP B 64 -21.20 9.89 0.82
N ARG B 65 -20.70 8.92 1.60
CA ARG B 65 -19.33 8.98 2.10
C ARG B 65 -18.45 8.14 1.21
N PRO B 66 -17.53 8.81 0.45
CA PRO B 66 -16.73 8.07 -0.51
C PRO B 66 -15.52 7.44 0.15
N ILE B 67 -15.03 6.41 -0.51
CA ILE B 67 -13.74 5.80 -0.15
C ILE B 67 -13.06 5.48 -1.48
N SER B 68 -12.08 6.31 -1.85
CA SER B 68 -11.28 6.06 -3.04
C SER B 68 -10.12 5.12 -2.68
N GLU B 69 -9.51 4.56 -3.71
CA GLU B 69 -8.41 3.59 -3.55
C GLU B 69 -8.95 2.23 -3.10
N SER B 70 -8.41 1.17 -3.73
CA SER B 70 -9.19 -0.09 -3.87
C SER B 70 -8.95 -1.05 -2.72
N LEU B 71 -7.69 -1.21 -2.34
CA LEU B 71 -7.37 -2.12 -1.25
C LEU B 71 -7.89 -1.68 0.13
N VAL B 72 -8.15 -0.38 0.30
CA VAL B 72 -8.72 0.15 1.54
C VAL B 72 -10.23 -0.07 1.61
N ILE B 73 -10.89 -0.05 0.45
CA ILE B 73 -12.33 -0.32 0.39
C ILE B 73 -12.68 -1.72 0.89
N LEU B 74 -11.88 -2.70 0.48
CA LEU B 74 -12.06 -4.08 0.95
C LEU B 74 -12.03 -4.15 2.47
N GLU B 75 -11.09 -3.44 3.08
CA GLU B 75 -10.95 -3.43 4.52
C GLU B 75 -12.03 -2.57 5.21
N TYR B 76 -12.65 -1.65 4.50
CA TYR B 76 -13.78 -0.92 5.03
C TYR B 76 -15.00 -1.84 5.23
N ILE B 77 -15.35 -2.62 4.20
CA ILE B 77 -16.52 -3.46 4.26
C ILE B 77 -16.46 -4.54 5.35
N ASP B 78 -15.25 -4.99 5.68
CA ASP B 78 -15.09 -5.95 6.77
C ASP B 78 -15.47 -5.39 8.13
N GLU B 79 -15.27 -4.10 8.38
CA GLU B 79 -15.42 -3.56 9.74
C GLU B 79 -16.79 -3.07 10.31
N THR B 80 -17.82 -2.95 9.47
CA THR B 80 -19.17 -2.56 9.81
C THR B 80 -20.13 -3.72 9.45
N TRP B 81 -19.80 -4.41 8.37
CA TRP B 81 -20.52 -5.59 7.95
C TRP B 81 -19.69 -6.84 8.21
N LYS B 82 -19.82 -7.40 9.42
CA LYS B 82 -18.89 -8.39 9.91
C LYS B 82 -19.39 -9.80 9.77
N GLN B 83 -20.27 -10.09 8.81
CA GLN B 83 -20.73 -11.47 8.63
C GLN B 83 -19.78 -12.22 7.71
N ASN B 84 -19.24 -13.35 8.18
CA ASN B 84 -18.07 -14.01 7.60
C ASN B 84 -16.90 -13.03 7.47
N PRO B 85 -16.11 -12.89 8.54
CA PRO B 85 -15.07 -11.88 8.54
C PRO B 85 -13.97 -12.19 7.53
N LEU B 86 -13.54 -11.14 6.83
CA LEU B 86 -12.57 -11.19 5.75
C LEU B 86 -11.13 -11.10 6.30
N LEU B 87 -10.86 -10.13 7.17
CA LEU B 87 -9.54 -10.05 7.85
C LEU B 87 -9.48 -11.03 9.02
N PRO B 88 -8.30 -11.64 9.23
CA PRO B 88 -8.02 -12.35 10.47
C PRO B 88 -8.36 -11.56 11.74
N SER B 89 -8.45 -12.28 12.85
CA SER B 89 -8.70 -11.69 14.16
C SER B 89 -7.41 -11.38 14.93
N ASP B 90 -6.34 -12.14 14.71
CA ASP B 90 -5.09 -11.93 15.48
C ASP B 90 -4.24 -10.88 14.78
N PRO B 91 -3.76 -9.88 15.53
CA PRO B 91 -2.95 -8.83 14.94
C PRO B 91 -1.73 -9.24 14.08
N TYR B 92 -1.17 -10.41 14.30
CA TYR B 92 -0.04 -10.84 13.46
C TYR B 92 -0.47 -11.31 12.05
N LYS B 93 -1.39 -12.28 11.99
CA LYS B 93 -1.86 -12.77 10.69
C LYS B 93 -2.71 -11.72 9.99
N ARG B 94 -3.36 -10.85 10.76
CA ARG B 94 -3.95 -9.61 10.21
C ARG B 94 -2.88 -8.70 9.59
N ALA B 95 -1.66 -8.73 10.13
CA ALA B 95 -0.55 -8.02 9.52
C ALA B 95 -0.05 -8.74 8.26
N LEU B 96 0.12 -10.04 8.33
CA LEU B 96 0.53 -10.81 7.17
C LEU B 96 -0.45 -10.70 6.00
N VAL B 97 -1.73 -10.85 6.27
CA VAL B 97 -2.73 -10.85 5.18
C VAL B 97 -2.69 -9.50 4.45
N ARG B 98 -2.48 -8.42 5.21
CA ARG B 98 -2.25 -7.09 4.61
C ARG B 98 -0.84 -7.02 4.01
N PHE B 99 0.12 -7.71 4.61
CA PHE B 99 1.46 -7.82 4.02
C PHE B 99 1.38 -8.49 2.66
N TRP B 100 0.40 -9.36 2.46
CA TRP B 100 0.27 -10.11 1.21
C TRP B 100 -0.48 -9.34 0.13
N THR B 101 -1.51 -8.59 0.51
CA THR B 101 -2.16 -7.70 -0.43
C THR B 101 -1.16 -6.67 -0.96
N LYS B 102 -0.25 -6.27 -0.07
CA LYS B 102 0.76 -5.27 -0.40
C LYS B 102 1.74 -5.78 -1.39
N PHE B 103 2.16 -7.04 -1.26
CA PHE B 103 3.08 -7.63 -2.23
C PHE B 103 2.44 -7.86 -3.59
N ILE B 104 1.22 -8.39 -3.58
CA ILE B 104 0.48 -8.63 -4.82
C ILE B 104 0.38 -7.31 -5.62
N ASP B 105 0.13 -6.22 -4.90
CA ASP B 105 -0.02 -4.91 -5.52
C ASP B 105 1.32 -4.27 -5.80
N ASP B 106 2.32 -4.58 -5.00
CA ASP B 106 3.70 -4.12 -5.26
C ASP B 106 4.25 -4.78 -6.54
N LYS B 107 3.95 -6.08 -6.73
CA LYS B 107 4.38 -6.78 -7.92
C LYS B 107 3.72 -6.20 -9.18
N CYS B 108 2.48 -5.75 -9.05
CA CYS B 108 1.52 -5.69 -10.16
C CYS B 108 2.07 -5.19 -11.47
N LEU B 109 3.01 -4.23 -11.43
CA LEU B 109 3.79 -3.86 -12.62
C LEU B 109 4.54 -5.02 -13.28
N SER B 110 4.65 -6.16 -12.61
CA SER B 110 5.12 -7.37 -13.24
C SER B 110 4.14 -7.95 -14.26
N ALA B 111 2.86 -7.99 -13.90
CA ALA B 111 1.85 -8.52 -14.84
C ALA B 111 1.73 -7.59 -16.05
N ALA B 112 1.74 -6.28 -15.80
CA ALA B 112 1.64 -5.28 -16.85
C ALA B 112 2.96 -5.08 -17.61
N ARG B 113 4.00 -5.87 -17.30
CA ARG B 113 5.28 -5.77 -17.98
C ARG B 113 5.32 -6.73 -19.17
N LYS B 114 5.17 -8.02 -18.88
CA LYS B 114 5.18 -9.06 -19.89
C LYS B 114 3.76 -9.38 -20.35
N ALA B 115 3.17 -8.40 -21.04
CA ALA B 115 1.78 -8.51 -21.51
C ALA B 115 1.45 -7.43 -22.52
N THR B 116 1.55 -6.19 -22.08
CA THR B 116 1.13 -5.03 -22.87
C THR B 116 2.32 -4.18 -23.33
N PHE B 117 3.52 -4.75 -23.23
CA PHE B 117 4.75 -4.08 -23.68
C PHE B 117 5.37 -4.90 -24.80
N SER B 118 6.55 -4.52 -25.30
CA SER B 118 7.05 -5.08 -26.56
C SER B 118 8.56 -5.12 -26.65
N ILE B 119 9.02 -5.94 -27.57
CA ILE B 119 10.42 -5.99 -28.01
C ILE B 119 11.35 -6.32 -26.84
N ASP B 120 12.11 -5.35 -26.35
CA ASP B 120 13.06 -5.59 -25.26
C ASP B 120 12.43 -5.54 -23.86
N GLU B 121 11.55 -4.57 -23.64
CA GLU B 121 10.96 -4.38 -22.31
C GLU B 121 10.15 -5.57 -21.84
N LYS B 122 9.74 -6.43 -22.77
CA LYS B 122 9.13 -7.70 -22.42
C LYS B 122 10.13 -8.55 -21.64
N GLU B 123 11.08 -9.15 -22.37
CA GLU B 123 11.98 -10.13 -21.75
C GLU B 123 12.97 -9.47 -20.76
N ARG B 124 12.89 -8.14 -20.63
CA ARG B 124 13.56 -7.46 -19.52
C ARG B 124 12.89 -7.77 -18.18
N GLU B 125 11.65 -8.23 -18.20
CA GLU B 125 11.08 -8.83 -17.01
C GLU B 125 11.58 -10.27 -16.88
N LYS B 126 11.60 -10.74 -15.64
CA LYS B 126 11.65 -12.17 -15.29
C LYS B 126 11.17 -12.33 -13.84
N GLY B 127 10.80 -11.18 -13.24
CA GLY B 127 10.19 -11.10 -11.91
C GLY B 127 8.95 -11.93 -11.73
N ILE B 128 8.13 -12.05 -12.76
CA ILE B 128 6.90 -12.83 -12.68
C ILE B 128 7.18 -14.27 -12.23
N GLU B 129 8.18 -14.90 -12.86
CA GLU B 129 8.50 -16.28 -12.55
C GLU B 129 9.02 -16.42 -11.12
N GLU B 130 9.73 -15.41 -10.60
CA GLU B 130 10.19 -15.45 -9.21
C GLU B 130 9.01 -15.29 -8.24
N THR B 131 8.16 -14.33 -8.54
CA THR B 131 7.03 -14.01 -7.66
C THR B 131 6.03 -15.17 -7.64
N GLU B 132 5.72 -15.69 -8.83
CA GLU B 132 4.84 -16.84 -8.94
C GLU B 132 5.39 -18.05 -8.15
N GLU B 133 6.72 -18.20 -8.11
CA GLU B 133 7.34 -19.18 -7.23
C GLU B 133 7.40 -18.65 -5.80
N ALA B 134 7.86 -17.41 -5.63
CA ALA B 134 7.74 -16.69 -4.35
C ALA B 134 6.29 -16.57 -3.91
N PHE B 135 5.38 -17.07 -4.75
CA PHE B 135 4.03 -17.39 -4.34
C PHE B 135 3.91 -18.83 -3.79
N GLN B 136 3.74 -19.79 -4.67
CA GLN B 136 3.45 -21.11 -4.16
C GLN B 136 4.51 -21.74 -3.27
N ILE B 137 5.79 -21.39 -3.46
CA ILE B 137 6.85 -21.95 -2.59
C ILE B 137 6.74 -21.43 -1.14
N LEU B 138 5.90 -20.41 -0.93
CA LEU B 138 5.58 -19.93 0.41
C LEU B 138 4.12 -20.00 0.81
N GLU B 139 3.19 -20.01 -0.15
CA GLU B 139 1.77 -20.05 0.17
C GLU B 139 1.30 -21.45 0.61
N ASN B 140 1.51 -22.44 -0.24
CA ASN B 140 1.24 -23.84 0.10
C ASN B 140 -0.23 -23.99 0.50
N GLU B 141 -1.09 -23.68 -0.45
CA GLU B 141 -2.56 -23.60 -0.21
C GLU B 141 -3.35 -24.53 -1.15
N LEU B 142 -2.73 -25.61 -1.63
CA LEU B 142 -3.43 -26.87 -1.88
C LEU B 142 -3.27 -27.84 -0.70
N LYS B 143 -2.67 -27.34 0.40
CA LYS B 143 -2.65 -28.03 1.68
C LYS B 143 -4.02 -27.88 2.35
N ASP B 144 -4.62 -26.69 2.22
CA ASP B 144 -5.97 -26.42 2.65
C ASP B 144 -6.56 -25.24 1.86
N LYS B 145 -7.77 -25.45 1.36
CA LYS B 145 -8.61 -24.45 0.66
C LYS B 145 -7.83 -23.58 -0.33
N PHE B 146 -8.07 -22.27 -0.35
CA PHE B 146 -7.13 -21.29 -0.89
C PHE B 146 -6.62 -20.38 0.26
N PHE B 147 -6.43 -19.09 0.03
CA PHE B 147 -5.56 -18.25 0.89
C PHE B 147 -6.04 -18.10 2.34
N GLY B 148 -6.79 -17.04 2.61
CA GLY B 148 -7.11 -16.65 3.98
C GLY B 148 -8.28 -17.47 4.48
N GLY B 149 -7.97 -18.47 5.30
CA GLY B 149 -8.99 -19.31 5.94
C GLY B 149 -9.83 -20.13 4.97
N ASP B 150 -10.91 -20.69 5.46
CA ASP B 150 -11.67 -21.70 4.72
C ASP B 150 -12.49 -21.12 3.56
N GLU B 151 -12.95 -19.87 3.73
CA GLU B 151 -13.66 -19.15 2.67
C GLU B 151 -12.71 -18.16 1.98
N ILE B 152 -13.26 -17.39 1.05
CA ILE B 152 -12.49 -16.34 0.39
C ILE B 152 -11.92 -15.34 1.39
N GLY B 153 -10.59 -15.28 1.44
CA GLY B 153 -9.89 -14.29 2.26
C GLY B 153 -9.40 -13.14 1.39
N ILE B 154 -8.97 -12.08 2.06
CA ILE B 154 -8.58 -10.85 1.37
C ILE B 154 -7.46 -11.00 0.32
N VAL B 155 -6.48 -11.83 0.63
CA VAL B 155 -5.31 -11.97 -0.23
C VAL B 155 -5.71 -12.49 -1.62
N ASP B 156 -6.69 -13.40 -1.62
CA ASP B 156 -7.25 -13.93 -2.86
C ASP B 156 -7.70 -12.80 -3.80
N ILE B 157 -8.62 -11.98 -3.29
CA ILE B 157 -9.28 -10.97 -4.09
C ILE B 157 -8.27 -9.96 -4.64
N ALA B 158 -7.26 -9.64 -3.84
CA ALA B 158 -6.21 -8.71 -4.27
C ALA B 158 -5.45 -9.27 -5.46
N GLY B 159 -5.39 -10.59 -5.56
CA GLY B 159 -4.73 -11.26 -6.70
C GLY B 159 -5.65 -11.88 -7.75
N ILE B 160 -6.78 -11.24 -8.03
CA ILE B 160 -7.68 -11.75 -9.07
C ILE B 160 -7.19 -11.39 -10.45
N PHE B 161 -6.31 -10.41 -10.59
CA PHE B 161 -5.65 -10.16 -11.87
C PHE B 161 -4.63 -11.25 -12.23
N ILE B 162 -4.46 -12.23 -11.35
CA ILE B 162 -3.81 -13.49 -11.70
C ILE B 162 -4.85 -14.56 -11.96
N ALA B 163 -5.76 -14.75 -11.02
CA ALA B 163 -6.76 -15.82 -11.12
C ALA B 163 -7.64 -15.76 -12.38
N PHE B 164 -7.81 -14.60 -12.98
CA PHE B 164 -8.63 -14.46 -14.18
C PHE B 164 -7.91 -13.76 -15.33
N TRP B 165 -7.41 -12.54 -15.11
CA TRP B 165 -6.96 -11.69 -16.22
C TRP B 165 -5.68 -12.17 -16.80
N PHE B 166 -4.78 -12.72 -16.00
CA PHE B 166 -3.44 -13.06 -16.51
C PHE B 166 -3.46 -14.25 -17.50
N PRO B 167 -4.09 -15.38 -17.12
CA PRO B 167 -4.50 -16.36 -18.13
C PRO B 167 -5.07 -15.80 -19.44
N ILE B 168 -5.80 -14.74 -19.41
CA ILE B 168 -6.32 -14.22 -20.63
C ILE B 168 -5.24 -13.36 -21.30
N VAL B 169 -4.55 -12.62 -20.48
CA VAL B 169 -3.74 -11.55 -20.96
C VAL B 169 -2.48 -11.87 -21.68
N GLN B 170 -2.07 -13.12 -21.82
CA GLN B 170 -0.73 -13.40 -22.41
C GLN B 170 -0.73 -13.63 -23.93
N GLU B 171 -1.90 -14.05 -24.41
CA GLU B 171 -2.21 -14.31 -25.78
C GLU B 171 -2.40 -12.97 -26.54
N ALA B 172 -1.60 -11.96 -26.14
CA ALA B 172 -1.31 -10.79 -26.94
C ALA B 172 0.19 -10.67 -27.24
N THR B 173 1.00 -11.20 -26.32
CA THR B 173 2.44 -11.40 -26.53
C THR B 173 2.75 -12.85 -26.94
N ARG B 174 1.73 -13.71 -27.06
CA ARG B 174 1.91 -15.14 -27.38
C ARG B 174 2.85 -15.84 -26.39
N LEU B 175 2.68 -15.47 -25.11
CA LEU B 175 3.44 -16.02 -24.00
C LEU B 175 2.74 -17.24 -23.39
N LYS B 176 3.52 -18.11 -22.77
CA LYS B 176 3.02 -19.32 -22.10
C LYS B 176 3.63 -19.43 -20.72
N LEU B 177 3.75 -18.30 -20.03
CA LEU B 177 4.43 -18.30 -18.73
C LEU B 177 3.60 -19.07 -17.70
N PHE B 178 2.27 -18.99 -17.84
CA PHE B 178 1.35 -19.45 -16.83
C PHE B 178 0.75 -20.78 -17.23
N THR B 179 1.22 -21.86 -16.59
CA THR B 179 0.70 -23.19 -16.86
C THR B 179 0.71 -24.02 -15.59
N SER B 180 -0.11 -25.07 -15.58
CA SER B 180 -0.17 -25.99 -14.43
C SER B 180 1.13 -26.78 -14.22
N GLU B 181 1.97 -26.83 -15.25
CA GLU B 181 3.26 -27.50 -15.19
C GLU B 181 4.33 -26.66 -14.48
N LYS B 182 4.20 -25.33 -14.53
CA LYS B 182 5.14 -24.40 -13.89
C LYS B 182 4.71 -23.99 -12.50
N PHE B 183 3.40 -23.80 -12.28
CA PHE B 183 2.89 -23.33 -11.00
C PHE B 183 1.65 -24.09 -10.61
N PRO B 184 1.80 -25.34 -10.14
CA PRO B 184 0.63 -26.20 -9.92
C PRO B 184 -0.24 -25.84 -8.70
N LYS B 185 0.42 -25.43 -7.61
CA LYS B 185 -0.31 -24.99 -6.42
C LYS B 185 -1.26 -23.82 -6.69
N LEU B 186 -0.87 -22.91 -7.59
CA LEU B 186 -1.69 -21.77 -7.91
C LEU B 186 -2.40 -21.79 -9.27
N HIS B 187 -1.99 -22.67 -10.17
CA HIS B 187 -2.80 -22.89 -11.38
C HIS B 187 -4.10 -23.57 -11.00
N LYS B 188 -4.04 -24.52 -10.08
CA LYS B 188 -5.24 -25.16 -9.54
C LYS B 188 -5.99 -24.19 -8.63
N TRP B 189 -5.28 -23.20 -8.08
CA TRP B 189 -5.92 -22.08 -7.38
C TRP B 189 -6.68 -21.17 -8.34
N SER B 190 -6.13 -20.96 -9.53
CA SER B 190 -6.80 -20.13 -10.57
C SER B 190 -8.25 -20.57 -10.79
N GLU B 191 -8.54 -21.86 -10.59
CA GLU B 191 -9.91 -22.35 -10.51
C GLU B 191 -10.68 -21.88 -9.26
N ASP B 192 -10.16 -20.88 -8.56
CA ASP B 192 -10.95 -19.99 -7.70
C ASP B 192 -12.05 -19.31 -8.51
N LEU B 193 -11.74 -18.88 -9.75
CA LEU B 193 -12.73 -18.29 -10.60
C LEU B 193 -13.87 -19.29 -10.84
N SER B 194 -13.54 -20.49 -11.32
CA SER B 194 -14.56 -21.43 -11.79
C SER B 194 -15.47 -21.88 -10.65
N ASN B 195 -14.86 -22.47 -9.62
CA ASN B 195 -15.57 -22.72 -8.37
C ASN B 195 -16.13 -21.42 -7.77
N HIS B 196 -17.01 -21.58 -6.77
CA HIS B 196 -17.45 -20.50 -5.89
C HIS B 196 -18.58 -19.73 -6.55
N PRO B 197 -19.79 -19.87 -6.02
CA PRO B 197 -20.96 -19.20 -6.62
C PRO B 197 -20.96 -17.66 -6.60
N ILE B 198 -19.82 -17.02 -6.34
CA ILE B 198 -19.78 -15.59 -6.21
C ILE B 198 -18.78 -14.89 -7.13
N VAL B 199 -17.57 -15.42 -7.16
CA VAL B 199 -16.52 -14.83 -7.96
C VAL B 199 -16.92 -14.99 -9.44
N LYS B 200 -17.74 -16.02 -9.65
CA LYS B 200 -18.35 -16.41 -10.89
C LYS B 200 -18.92 -15.33 -11.72
N GLU B 201 -19.88 -14.60 -11.14
CA GLU B 201 -20.76 -13.66 -11.88
C GLU B 201 -20.31 -12.21 -12.10
N ILE B 202 -19.65 -11.60 -11.12
CA ILE B 202 -18.99 -10.28 -11.32
C ILE B 202 -17.75 -10.31 -12.28
N LEU B 203 -17.36 -11.54 -12.60
CA LEU B 203 -16.36 -11.80 -13.57
C LEU B 203 -17.03 -11.94 -14.90
N PRO B 204 -16.72 -11.02 -15.82
CA PRO B 204 -17.31 -11.07 -17.16
C PRO B 204 -17.05 -12.37 -17.94
N PRO B 205 -17.64 -12.49 -19.14
CA PRO B 205 -17.36 -13.67 -19.95
C PRO B 205 -15.89 -13.75 -20.37
N ARG B 206 -15.34 -14.96 -20.41
CA ARG B 206 -13.91 -15.14 -20.69
C ARG B 206 -13.62 -14.95 -22.18
N GLU B 207 -14.51 -15.48 -23.03
CA GLU B 207 -14.32 -15.45 -24.46
C GLU B 207 -14.67 -14.10 -25.07
N SER B 208 -15.56 -13.34 -24.41
CA SER B 208 -15.75 -11.95 -24.76
C SER B 208 -14.47 -11.17 -24.45
N LEU B 209 -13.91 -11.42 -23.27
CA LEU B 209 -12.70 -10.73 -22.85
C LEU B 209 -11.52 -11.04 -23.72
N LEU B 210 -11.45 -12.28 -24.19
CA LEU B 210 -10.35 -12.72 -25.05
C LEU B 210 -10.28 -11.85 -26.30
N ALA B 211 -11.44 -11.48 -26.83
CA ALA B 211 -11.53 -10.60 -27.98
C ALA B 211 -10.88 -9.23 -27.72
N TYR B 212 -11.10 -8.65 -26.53
CA TYR B 212 -10.61 -7.31 -26.21
C TYR B 212 -9.11 -7.16 -26.28
N PHE B 213 -8.40 -8.16 -25.85
CA PHE B 213 -6.99 -8.01 -25.78
C PHE B 213 -6.34 -8.14 -27.10
N LYS B 214 -6.91 -8.96 -27.97
CA LYS B 214 -6.36 -9.09 -29.28
C LYS B 214 -6.92 -7.94 -30.14
N ALA B 215 -6.32 -6.76 -29.99
CA ALA B 215 -6.75 -5.53 -30.67
C ALA B 215 -5.70 -4.45 -30.44
#